data_5M42
#
_entry.id   5M42
#
_cell.length_a   131.920
_cell.length_b   131.920
_cell.length_c   36.580
_cell.angle_alpha   90.00
_cell.angle_beta   90.00
_cell.angle_gamma   120.00
#
_symmetry.space_group_name_H-M   'P 62'
#
loop_
_entity.id
_entity.type
_entity.pdbx_description
1 polymer 'Proline dehydrogenase'
2 non-polymer 'FLAVIN MONONUCLEOTIDE'
3 water water
#
_entity_poly.entity_id   1
_entity_poly.type   'polypeptide(L)'
_entity_poly.pdbx_seq_one_letter_code
;ISEFMAKIETLEEALKAAEALEREGVHAILDLLGEMVRTEEEARAFQRGLLELVWALAGKPWPKYISLKLTQLGLDLSED
LALALLREVLREAEPRGVFVRLDMEDSPRVEATLRLYRALREEGFSQVGIVLQSYLYRTEKDLLDLLPYRPNLRLVKGAY
REPKEVAFPDKRLIDAEYLHLGKLALKEGLYVAFATHDPRIIAELKRYTEAMGIPRSRFEFQFLYGVRPEEQRRLAREGY
TVRAYVPYGRDWYPYLTRRIAERPENLLLVLRSLVSGLE
;
_entity_poly.pdbx_strand_id   A
#
# COMPACT_ATOMS: atom_id res chain seq x y z
N ILE A 8 -18.62 6.84 2.69
CA ILE A 8 -18.52 5.38 2.34
C ILE A 8 -18.45 4.57 3.61
N GLU A 9 -19.47 3.74 3.84
CA GLU A 9 -19.61 2.90 5.03
C GLU A 9 -19.63 1.40 4.71
N THR A 10 -20.40 1.01 3.68
CA THR A 10 -20.56 -0.38 3.25
C THR A 10 -19.71 -0.73 2.04
N LEU A 11 -19.52 -2.02 1.86
CA LEU A 11 -18.86 -2.57 0.69
C LEU A 11 -19.50 -2.17 -0.65
N GLU A 12 -20.81 -1.92 -0.62
CA GLU A 12 -21.56 -1.70 -1.84
C GLU A 12 -21.27 -0.27 -2.24
N GLU A 13 -21.38 0.64 -1.27
CA GLU A 13 -21.03 2.04 -1.40
C GLU A 13 -19.56 2.21 -1.83
N ALA A 14 -18.66 1.36 -1.30
CA ALA A 14 -17.24 1.37 -1.69
C ALA A 14 -17.04 0.90 -3.14
N LEU A 15 -17.67 -0.20 -3.52
CA LEU A 15 -17.58 -0.66 -4.88
C LEU A 15 -18.24 0.31 -5.94
N LYS A 16 -19.27 1.07 -5.54
CA LYS A 16 -19.83 2.09 -6.43
C LYS A 16 -18.81 3.20 -6.57
N ALA A 17 -18.17 3.59 -5.47
CA ALA A 17 -17.13 4.60 -5.52
C ALA A 17 -16.00 4.23 -6.48
N ALA A 18 -15.59 2.96 -6.48
CA ALA A 18 -14.60 2.48 -7.39
C ALA A 18 -15.05 2.62 -8.80
N GLU A 19 -16.31 2.26 -9.05
CA GLU A 19 -16.95 2.41 -10.38
C GLU A 19 -16.87 3.88 -10.86
N ALA A 20 -17.26 4.80 -10.00
CA ALA A 20 -17.27 6.18 -10.36
C ALA A 20 -15.79 6.65 -10.74
N LEU A 21 -14.80 6.33 -9.90
CA LEU A 21 -13.38 6.59 -10.21
C LEU A 21 -12.97 6.03 -11.57
N GLU A 22 -13.28 4.79 -11.80
CA GLU A 22 -12.90 4.16 -13.03
C GLU A 22 -13.44 4.93 -14.27
N ARG A 23 -14.68 5.46 -14.19
CA ARG A 23 -15.22 6.27 -15.29
C ARG A 23 -14.24 7.32 -15.66
N GLU A 24 -13.67 7.96 -14.64
CA GLU A 24 -12.68 9.01 -14.84
C GLU A 24 -11.22 8.59 -15.05
N GLY A 25 -10.95 7.34 -15.41
CA GLY A 25 -9.58 6.86 -15.57
C GLY A 25 -8.70 6.64 -14.30
N VAL A 26 -9.29 6.73 -13.10
CA VAL A 26 -8.62 6.50 -11.81
C VAL A 26 -9.01 5.11 -11.21
N HIS A 27 -8.05 4.48 -10.56
CA HIS A 27 -8.29 3.15 -10.00
C HIS A 27 -8.58 3.24 -8.53
N ALA A 28 -8.99 2.13 -7.94
CA ALA A 28 -9.40 2.11 -6.51
C ALA A 28 -8.58 1.14 -5.76
N ILE A 29 -8.30 1.51 -4.52
CA ILE A 29 -7.72 0.58 -3.52
C ILE A 29 -8.82 0.46 -2.47
N LEU A 30 -9.26 -0.76 -2.18
CA LEU A 30 -10.34 -0.92 -1.18
C LEU A 30 -9.72 -1.29 0.12
N ASP A 31 -10.12 -0.58 1.14
CA ASP A 31 -9.58 -0.83 2.49
C ASP A 31 -10.69 -1.10 3.54
N LEU A 32 -10.82 -2.36 3.92
CA LEU A 32 -11.73 -2.73 5.00
C LEU A 32 -11.16 -2.28 6.34
N LEU A 33 -11.84 -1.34 6.97
CA LEU A 33 -11.55 -1.00 8.35
C LEU A 33 -12.53 -1.79 9.18
N GLY A 34 -12.12 -2.32 10.29
CA GLY A 34 -13.14 -2.99 11.15
C GLY A 34 -13.12 -2.32 12.49
N GLU A 35 -13.74 -2.95 13.45
CA GLU A 35 -13.47 -2.62 14.85
C GLU A 35 -12.03 -3.07 15.15
N MET A 36 -11.36 -2.45 16.12
CA MET A 36 -10.02 -2.91 16.55
C MET A 36 -10.05 -4.36 17.08
N VAL A 37 -9.21 -5.18 16.47
CA VAL A 37 -9.10 -6.62 16.77
C VAL A 37 -8.34 -6.76 18.05
N ARG A 38 -8.95 -7.42 19.01
CA ARG A 38 -8.45 -7.59 20.35
C ARG A 38 -8.02 -9.04 20.64
N THR A 39 -8.44 -9.98 19.80
CA THR A 39 -8.21 -11.40 20.07
C THR A 39 -8.15 -12.16 18.75
N GLU A 40 -7.58 -13.35 18.81
CA GLU A 40 -7.54 -14.27 17.65
C GLU A 40 -8.90 -14.56 16.92
N GLU A 41 -9.98 -14.72 17.70
CA GLU A 41 -11.36 -14.81 17.19
C GLU A 41 -11.81 -13.55 16.37
N GLU A 42 -11.41 -12.38 16.89
CA GLU A 42 -11.61 -11.11 16.15
C GLU A 42 -10.77 -11.01 14.88
N ALA A 43 -9.50 -11.48 14.93
CA ALA A 43 -8.66 -11.60 13.75
C ALA A 43 -9.33 -12.47 12.72
N ARG A 44 -9.91 -13.59 13.15
CA ARG A 44 -10.65 -14.51 12.17
C ARG A 44 -11.92 -13.88 11.62
N ALA A 45 -12.64 -13.09 12.44
CA ALA A 45 -13.80 -12.37 11.94
C ALA A 45 -13.39 -11.29 10.89
N PHE A 46 -12.30 -10.57 11.15
CA PHE A 46 -11.77 -9.63 10.21
C PHE A 46 -11.36 -10.31 8.93
N GLN A 47 -10.66 -11.44 9.05
CA GLN A 47 -10.35 -12.29 7.89
C GLN A 47 -11.57 -12.62 7.02
N ARG A 48 -12.67 -12.98 7.65
CA ARG A 48 -13.92 -13.20 6.87
C ARG A 48 -14.39 -11.97 6.14
N GLY A 49 -14.26 -10.79 6.75
CA GLY A 49 -14.57 -9.59 5.99
C GLY A 49 -13.64 -9.35 4.82
N LEU A 50 -12.37 -9.63 4.98
CA LEU A 50 -11.47 -9.58 3.86
C LEU A 50 -11.81 -10.58 2.70
N LEU A 51 -12.17 -11.81 3.06
CA LEU A 51 -12.53 -12.84 2.08
C LEU A 51 -13.78 -12.43 1.33
N GLU A 52 -14.70 -11.76 2.01
CA GLU A 52 -15.85 -11.19 1.33
C GLU A 52 -15.41 -10.13 0.30
N LEU A 53 -14.49 -9.25 0.72
CA LEU A 53 -13.96 -8.18 -0.16
C LEU A 53 -13.30 -8.77 -1.43
N VAL A 54 -12.41 -9.75 -1.25
CA VAL A 54 -11.76 -10.47 -2.35
C VAL A 54 -12.87 -11.03 -3.27
N TRP A 55 -13.84 -11.74 -2.67
CA TRP A 55 -14.89 -12.37 -3.45
C TRP A 55 -15.62 -11.28 -4.33
N ALA A 56 -16.06 -10.19 -3.75
CA ALA A 56 -16.76 -9.15 -4.49
C ALA A 56 -15.90 -8.44 -5.61
N LEU A 57 -14.60 -8.40 -5.46
CA LEU A 57 -13.70 -7.75 -6.44
C LEU A 57 -13.42 -8.69 -7.58
N ALA A 58 -13.55 -9.98 -7.31
CA ALA A 58 -13.34 -11.03 -8.29
C ALA A 58 -14.16 -10.79 -9.56
N GLY A 59 -13.53 -10.91 -10.70
CA GLY A 59 -14.20 -10.53 -11.97
C GLY A 59 -15.05 -9.24 -12.04
N LYS A 60 -14.86 -8.28 -11.11
CA LYS A 60 -15.04 -6.87 -11.46
C LYS A 60 -14.01 -6.65 -12.55
N PRO A 61 -14.39 -5.97 -13.64
CA PRO A 61 -13.49 -5.96 -14.81
C PRO A 61 -12.13 -5.22 -14.63
N TRP A 62 -12.06 -4.28 -13.69
CA TRP A 62 -10.90 -3.38 -13.51
C TRP A 62 -9.87 -3.89 -12.51
N PRO A 63 -8.70 -3.19 -12.36
CA PRO A 63 -7.64 -3.73 -11.46
C PRO A 63 -8.12 -3.77 -10.00
N LYS A 64 -7.81 -4.89 -9.39
CA LYS A 64 -8.31 -5.28 -8.09
C LYS A 64 -7.19 -5.16 -7.06
N TYR A 65 -7.38 -4.25 -6.12
CA TYR A 65 -6.34 -3.92 -5.12
C TYR A 65 -6.98 -3.74 -3.77
N ILE A 66 -6.48 -4.49 -2.79
CA ILE A 66 -6.88 -4.21 -1.44
C ILE A 66 -5.68 -3.85 -0.56
N SER A 67 -5.98 -3.07 0.49
CA SER A 67 -5.02 -2.69 1.54
C SER A 67 -5.50 -3.21 2.87
N LEU A 68 -4.58 -3.74 3.66
CA LEU A 68 -4.93 -4.16 4.99
C LEU A 68 -3.85 -3.85 6.01
N LYS A 69 -4.31 -3.75 7.27
CA LYS A 69 -3.49 -3.62 8.43
C LYS A 69 -3.34 -4.98 9.10
N LEU A 70 -2.09 -5.45 9.25
CA LEU A 70 -1.79 -6.75 9.86
C LEU A 70 -2.16 -6.90 11.32
N THR A 71 -2.20 -5.76 12.06
CA THR A 71 -2.71 -5.85 13.42
C THR A 71 -4.18 -6.34 13.43
N GLN A 72 -4.93 -6.06 12.37
CA GLN A 72 -6.30 -6.59 12.22
C GLN A 72 -6.37 -8.12 11.96
N LEU A 73 -5.25 -8.72 11.58
CA LEU A 73 -5.07 -10.19 11.55
C LEU A 73 -4.33 -10.74 12.75
N GLY A 74 -4.22 -9.95 13.82
CA GLY A 74 -3.59 -10.31 15.10
C GLY A 74 -2.11 -10.31 15.10
N LEU A 75 -1.44 -9.52 14.25
CA LEU A 75 0.01 -9.44 14.29
C LEU A 75 0.70 -9.43 15.65
N ASP A 76 0.30 -8.57 16.58
CA ASP A 76 0.90 -8.58 17.92
C ASP A 76 0.51 -9.75 18.78
N LEU A 77 -0.68 -10.24 18.64
CA LEU A 77 -1.11 -11.39 19.40
C LEU A 77 -0.29 -12.61 19.01
N SER A 78 -0.05 -12.78 17.72
CA SER A 78 0.80 -13.81 17.20
C SER A 78 1.12 -13.58 15.73
N GLU A 79 2.41 -13.40 15.47
CA GLU A 79 2.89 -13.23 14.11
C GLU A 79 2.58 -14.44 13.28
N ASP A 80 2.73 -15.59 13.90
CA ASP A 80 2.50 -16.85 13.18
C ASP A 80 1.08 -16.96 12.67
N LEU A 81 0.17 -16.57 13.54
CA LEU A 81 -1.24 -16.65 13.22
C LEU A 81 -1.58 -15.60 12.20
N ALA A 82 -1.06 -14.37 12.40
CA ALA A 82 -1.28 -13.34 11.41
C ALA A 82 -0.79 -13.84 10.10
N LEU A 83 0.41 -14.41 10.03
CA LEU A 83 0.92 -15.02 8.72
C LEU A 83 0.01 -16.09 8.15
N ALA A 84 -0.37 -17.05 9.02
CA ALA A 84 -1.28 -18.14 8.60
C ALA A 84 -2.58 -17.59 8.05
N LEU A 85 -3.15 -16.56 8.70
CA LEU A 85 -4.42 -16.01 8.21
C LEU A 85 -4.25 -15.21 6.95
N LEU A 86 -3.15 -14.48 6.86
CA LEU A 86 -2.88 -13.79 5.61
C LEU A 86 -2.63 -14.74 4.43
N ARG A 87 -1.87 -15.80 4.68
CA ARG A 87 -1.67 -16.81 3.66
C ARG A 87 -2.98 -17.32 3.09
N GLU A 88 -3.87 -17.73 4.00
CA GLU A 88 -5.24 -18.16 3.62
C GLU A 88 -5.90 -17.09 2.75
N VAL A 89 -5.73 -15.82 3.08
CA VAL A 89 -6.32 -14.77 2.21
C VAL A 89 -5.68 -14.71 0.79
N LEU A 90 -4.38 -14.89 0.74
CA LEU A 90 -3.67 -14.72 -0.49
C LEU A 90 -3.93 -15.93 -1.38
N ARG A 91 -4.05 -17.11 -0.77
CA ARG A 91 -4.46 -18.32 -1.55
C ARG A 91 -5.73 -18.10 -2.33
N GLU A 92 -6.65 -17.34 -1.78
CA GLU A 92 -7.89 -16.94 -2.45
C GLU A 92 -7.75 -15.78 -3.34
N ALA A 93 -6.91 -14.82 -2.95
CA ALA A 93 -6.81 -13.56 -3.70
C ALA A 93 -5.98 -13.71 -4.99
N GLU A 94 -4.86 -14.43 -4.87
CA GLU A 94 -3.95 -14.67 -6.02
C GLU A 94 -4.69 -15.23 -7.24
N PRO A 95 -5.29 -16.41 -7.15
CA PRO A 95 -6.04 -16.89 -8.31
C PRO A 95 -7.15 -16.00 -8.86
N ARG A 96 -7.62 -14.99 -8.15
CA ARG A 96 -8.60 -14.04 -8.68
C ARG A 96 -7.99 -12.74 -9.24
N GLY A 97 -6.66 -12.67 -9.29
CA GLY A 97 -6.03 -11.41 -9.67
C GLY A 97 -6.24 -10.27 -8.68
N VAL A 98 -6.48 -10.57 -7.39
CA VAL A 98 -6.59 -9.49 -6.37
C VAL A 98 -5.24 -9.28 -5.67
N PHE A 99 -4.78 -8.04 -5.83
CA PHE A 99 -3.50 -7.61 -5.24
C PHE A 99 -3.79 -7.15 -3.81
N VAL A 100 -2.94 -7.61 -2.89
CA VAL A 100 -3.05 -7.28 -1.46
C VAL A 100 -1.79 -6.49 -1.04
N ARG A 101 -2.01 -5.26 -0.58
CA ARG A 101 -1.00 -4.43 0.06
C ARG A 101 -1.05 -4.56 1.57
N LEU A 102 0.09 -4.82 2.18
CA LEU A 102 0.27 -4.79 3.61
C LEU A 102 0.63 -3.36 4.01
N ASP A 103 -0.34 -2.67 4.57
CA ASP A 103 -0.17 -1.33 5.11
C ASP A 103 0.83 -1.44 6.30
N MET A 104 1.72 -0.46 6.40
CA MET A 104 2.74 -0.46 7.41
C MET A 104 2.22 0.33 8.55
N GLU A 105 2.21 -0.30 9.72
CA GLU A 105 1.73 0.39 10.87
C GLU A 105 2.94 1.05 11.59
N ASP A 106 2.91 1.17 12.92
CA ASP A 106 3.85 1.93 13.69
C ASP A 106 5.14 1.14 13.98
N SER A 107 6.19 1.79 14.41
CA SER A 107 7.56 1.25 14.29
C SER A 107 7.85 -0.08 14.99
N PRO A 108 7.24 -0.34 16.17
CA PRO A 108 7.44 -1.67 16.77
C PRO A 108 6.88 -2.80 15.98
N ARG A 109 6.07 -2.54 14.98
CA ARG A 109 5.50 -3.60 14.15
C ARG A 109 6.20 -3.81 12.79
N VAL A 110 7.23 -3.00 12.52
CA VAL A 110 7.93 -3.04 11.20
C VAL A 110 8.66 -4.34 10.93
N GLU A 111 9.44 -4.80 11.90
CA GLU A 111 10.28 -6.01 11.73
C GLU A 111 9.36 -7.21 11.39
N ALA A 112 8.32 -7.44 12.20
CA ALA A 112 7.37 -8.55 11.98
C ALA A 112 6.70 -8.46 10.64
N THR A 113 6.37 -7.23 10.23
CA THR A 113 5.69 -7.00 8.93
C THR A 113 6.56 -7.43 7.77
N LEU A 114 7.84 -7.01 7.79
CA LEU A 114 8.79 -7.38 6.79
C LEU A 114 9.05 -8.92 6.86
N ARG A 115 9.18 -9.52 8.04
CA ARG A 115 9.33 -11.00 8.13
C ARG A 115 8.20 -11.71 7.46
N LEU A 116 6.95 -11.27 7.69
CA LEU A 116 5.77 -11.88 7.05
C LEU A 116 5.83 -11.78 5.56
N TYR A 117 6.14 -10.59 5.07
CA TYR A 117 6.20 -10.32 3.62
C TYR A 117 7.27 -11.27 3.03
N ARG A 118 8.44 -11.31 3.68
CA ARG A 118 9.54 -12.14 3.16
C ARG A 118 9.16 -13.61 3.12
N ALA A 119 8.54 -14.10 4.20
CA ALA A 119 8.09 -15.46 4.31
C ALA A 119 7.12 -15.80 3.20
N LEU A 120 6.16 -14.91 2.94
CA LEU A 120 5.17 -15.21 1.93
C LEU A 120 5.77 -15.24 0.54
N ARG A 121 6.66 -14.29 0.27
CA ARG A 121 7.36 -14.25 -1.00
C ARG A 121 8.13 -15.54 -1.17
N GLU A 122 8.87 -15.99 -0.15
CA GLU A 122 9.65 -17.25 -0.18
C GLU A 122 8.82 -18.52 -0.33
N GLU A 123 7.57 -18.49 0.08
CA GLU A 123 6.59 -19.50 -0.29
C GLU A 123 6.06 -19.41 -1.73
N GLY A 124 6.31 -18.30 -2.45
CA GLY A 124 5.91 -18.15 -3.82
C GLY A 124 4.78 -17.25 -4.16
N PHE A 125 4.18 -16.57 -3.17
CA PHE A 125 3.13 -15.58 -3.50
C PHE A 125 3.81 -14.35 -4.06
N SER A 126 3.16 -13.76 -5.02
CA SER A 126 3.74 -12.70 -5.77
C SER A 126 2.83 -11.50 -5.88
N GLN A 127 1.51 -11.61 -5.71
CA GLN A 127 0.54 -10.47 -5.81
C GLN A 127 0.23 -9.84 -4.44
N VAL A 128 1.32 -9.55 -3.72
CA VAL A 128 1.36 -8.97 -2.42
C VAL A 128 2.43 -7.87 -2.50
N GLY A 129 2.14 -6.71 -1.93
CA GLY A 129 3.17 -5.68 -1.71
C GLY A 129 3.29 -5.16 -0.29
N ILE A 130 4.28 -4.28 -0.12
CA ILE A 130 4.59 -3.61 1.12
C ILE A 130 4.45 -2.09 1.03
N VAL A 131 4.44 -1.46 2.19
CA VAL A 131 4.53 0.00 2.36
C VAL A 131 5.80 0.23 3.16
N LEU A 132 6.54 1.26 2.77
CA LEU A 132 7.64 1.76 3.53
C LEU A 132 7.41 3.24 3.80
N GLN A 133 7.88 3.67 4.97
CA GLN A 133 7.65 5.04 5.45
C GLN A 133 8.95 5.82 5.49
N SER A 134 8.99 6.95 4.79
CA SER A 134 10.26 7.73 4.72
C SER A 134 10.69 8.38 6.03
N TYR A 135 9.77 8.54 7.00
CA TYR A 135 10.14 9.17 8.29
C TYR A 135 10.98 8.34 9.22
N LEU A 136 11.19 7.05 8.99
CA LEU A 136 12.03 6.26 9.87
C LEU A 136 13.46 6.17 9.39
N TYR A 137 14.42 6.17 10.33
CA TYR A 137 15.82 5.97 10.06
C TYR A 137 16.12 4.63 9.46
N ARG A 138 15.37 3.65 9.90
CA ARG A 138 15.58 2.25 9.51
C ARG A 138 15.16 1.99 8.09
N THR A 139 14.39 2.86 7.50
CA THR A 139 13.79 2.50 6.21
C THR A 139 14.76 2.26 5.08
N GLU A 140 15.88 2.99 4.99
CA GLU A 140 16.76 2.73 3.85
C GLU A 140 17.34 1.31 3.89
N LYS A 141 17.81 0.90 5.05
CA LYS A 141 18.29 -0.47 5.21
C LYS A 141 17.21 -1.53 4.90
N ASP A 142 15.98 -1.31 5.36
CA ASP A 142 14.87 -2.23 5.02
C ASP A 142 14.74 -2.32 3.54
N LEU A 143 14.73 -1.18 2.86
CA LEU A 143 14.65 -1.19 1.35
C LEU A 143 15.81 -1.98 0.71
N LEU A 144 17.03 -1.69 1.16
CA LEU A 144 18.23 -2.38 0.66
C LEU A 144 18.14 -3.88 0.98
N ASP A 145 17.82 -4.24 2.22
CA ASP A 145 17.59 -5.62 2.56
C ASP A 145 16.53 -6.25 1.68
N LEU A 146 15.52 -5.51 1.27
CA LEU A 146 14.46 -6.14 0.46
C LEU A 146 14.69 -6.23 -1.03
N LEU A 147 15.71 -5.56 -1.56
CA LEU A 147 15.93 -5.55 -3.03
C LEU A 147 15.95 -6.96 -3.67
N PRO A 148 16.63 -7.93 -3.06
CA PRO A 148 16.55 -9.29 -3.67
C PRO A 148 15.09 -9.84 -3.95
N TYR A 149 14.12 -9.43 -3.13
CA TYR A 149 12.71 -9.84 -3.30
C TYR A 149 12.02 -9.08 -4.39
N ARG A 150 12.61 -8.03 -4.91
CA ARG A 150 11.97 -7.24 -5.96
C ARG A 150 10.60 -6.69 -5.56
N PRO A 151 10.53 -6.00 -4.40
CA PRO A 151 9.19 -5.72 -3.89
C PRO A 151 8.42 -4.74 -4.73
N ASN A 152 7.11 -4.96 -4.82
CA ASN A 152 6.19 -3.93 -5.25
C ASN A 152 5.97 -3.07 -3.97
N LEU A 153 6.25 -1.78 -4.11
CA LEU A 153 6.46 -0.92 -2.98
C LEU A 153 5.53 0.29 -3.07
N ARG A 154 4.81 0.59 -2.00
CA ARG A 154 4.13 1.90 -1.86
C ARG A 154 4.97 2.72 -0.91
N LEU A 155 5.24 3.98 -1.26
CA LEU A 155 6.10 4.83 -0.47
C LEU A 155 5.23 5.89 0.13
N VAL A 156 5.29 6.02 1.47
CA VAL A 156 4.60 7.07 2.19
C VAL A 156 5.60 7.84 3.05
N LYS A 157 5.17 8.99 3.56
CA LYS A 157 5.95 9.68 4.57
C LYS A 157 5.91 9.01 5.97
N GLY A 158 4.72 8.61 6.40
CA GLY A 158 4.51 8.06 7.73
C GLY A 158 3.36 8.80 8.42
N ALA A 159 2.48 8.07 9.08
CA ALA A 159 1.29 8.59 9.70
C ALA A 159 1.41 8.60 11.23
N TYR A 160 2.45 8.07 11.90
CA TYR A 160 2.39 7.90 13.37
C TYR A 160 3.24 8.93 14.12
N ARG A 161 2.90 9.21 15.36
CA ARG A 161 3.85 9.97 16.22
C ARG A 161 4.90 8.99 16.66
N GLU A 162 6.16 9.22 16.29
CA GLU A 162 7.23 8.36 16.62
C GLU A 162 8.32 9.13 17.32
N PRO A 163 9.04 8.49 18.24
CA PRO A 163 10.10 9.23 18.92
C PRO A 163 11.27 9.61 18.02
N LYS A 164 12.02 10.61 18.46
CA LYS A 164 13.07 11.21 17.64
C LYS A 164 14.30 10.33 17.50
N GLU A 165 14.36 9.26 18.26
CA GLU A 165 15.38 8.25 18.04
C GLU A 165 15.04 7.27 16.94
N VAL A 166 13.80 7.20 16.45
CA VAL A 166 13.47 6.25 15.37
C VAL A 166 13.06 6.95 14.09
N ALA A 167 12.54 8.16 14.19
CA ALA A 167 12.02 8.92 13.07
C ALA A 167 12.68 10.28 12.95
N PHE A 168 12.92 10.72 11.72
CA PHE A 168 13.34 12.12 11.48
C PHE A 168 12.35 13.11 12.17
N PRO A 169 12.85 14.01 13.03
CA PRO A 169 11.92 14.96 13.67
C PRO A 169 11.54 16.07 12.74
N ASP A 170 12.36 16.33 11.77
CA ASP A 170 12.19 17.45 10.85
C ASP A 170 11.41 17.03 9.59
N LYS A 171 10.34 17.76 9.25
CA LYS A 171 9.63 17.58 8.01
C LYS A 171 10.46 17.79 6.74
N ARG A 172 11.44 18.71 6.74
CA ARG A 172 12.40 18.84 5.65
C ARG A 172 13.16 17.50 5.40
N LEU A 173 13.61 16.86 6.47
CA LEU A 173 14.30 15.54 6.39
C LEU A 173 13.38 14.39 5.95
N ILE A 174 12.18 14.36 6.49
CA ILE A 174 11.15 13.40 6.08
C ILE A 174 10.90 13.47 4.56
N ASP A 175 10.73 14.68 4.05
CA ASP A 175 10.53 14.96 2.61
C ASP A 175 11.73 14.65 1.76
N ALA A 176 12.91 14.95 2.28
CA ALA A 176 14.13 14.63 1.64
C ALA A 176 14.31 13.13 1.55
N GLU A 177 14.05 12.40 2.65
CA GLU A 177 14.15 10.93 2.62
C GLU A 177 13.16 10.27 1.67
N TYR A 178 11.97 10.86 1.57
CA TYR A 178 10.98 10.35 0.64
C TYR A 178 11.55 10.37 -0.81
N LEU A 179 12.10 11.51 -1.21
CA LEU A 179 12.63 11.64 -2.58
C LEU A 179 13.84 10.68 -2.77
N HIS A 180 14.68 10.57 -1.75
CA HIS A 180 15.85 9.66 -1.78
C HIS A 180 15.42 8.22 -1.99
N LEU A 181 14.51 7.77 -1.14
CA LEU A 181 14.04 6.39 -1.18
C LEU A 181 13.28 6.13 -2.48
N GLY A 182 12.43 7.06 -2.86
CA GLY A 182 11.72 6.90 -4.11
C GLY A 182 12.62 6.68 -5.32
N LYS A 183 13.66 7.50 -5.40
CA LYS A 183 14.60 7.48 -6.54
C LYS A 183 15.49 6.26 -6.45
N LEU A 184 15.90 5.94 -5.24
CA LEU A 184 16.63 4.70 -5.00
C LEU A 184 15.81 3.51 -5.49
N ALA A 185 14.53 3.43 -5.14
CA ALA A 185 13.71 2.29 -5.53
C ALA A 185 13.53 2.19 -7.05
N LEU A 186 13.20 3.32 -7.68
CA LEU A 186 13.05 3.41 -9.12
C LEU A 186 14.35 3.07 -9.81
N LYS A 187 15.48 3.60 -9.34
CA LYS A 187 16.76 3.25 -10.00
C LYS A 187 17.02 1.73 -9.93
N GLU A 188 16.54 1.03 -8.88
CA GLU A 188 16.73 -0.39 -8.74
C GLU A 188 15.72 -1.23 -9.51
N GLY A 189 14.83 -0.62 -10.26
CA GLY A 189 13.88 -1.38 -11.03
C GLY A 189 12.56 -1.79 -10.37
N LEU A 190 12.30 -1.37 -9.13
CA LEU A 190 11.02 -1.70 -8.44
C LEU A 190 9.86 -0.90 -9.00
N TYR A 191 8.69 -1.53 -9.06
CA TYR A 191 7.45 -0.85 -9.24
C TYR A 191 7.17 -0.03 -7.93
N VAL A 192 6.87 1.26 -8.06
CA VAL A 192 6.75 2.09 -6.88
C VAL A 192 5.46 2.86 -7.03
N ALA A 193 4.62 2.78 -5.98
CA ALA A 193 3.47 3.58 -5.85
C ALA A 193 3.78 4.74 -4.89
N PHE A 194 3.66 5.97 -5.38
CA PHE A 194 3.91 7.17 -4.59
C PHE A 194 2.62 7.66 -3.98
N ALA A 195 2.41 7.28 -2.71
CA ALA A 195 1.18 7.62 -1.95
C ALA A 195 1.47 8.91 -1.16
N THR A 196 1.26 10.04 -1.85
CA THR A 196 1.49 11.36 -1.28
C THR A 196 0.53 12.36 -1.96
N HIS A 197 0.17 13.40 -1.20
CA HIS A 197 -0.55 14.55 -1.73
C HIS A 197 0.30 15.77 -2.02
N ASP A 198 1.61 15.67 -1.75
CA ASP A 198 2.51 16.82 -1.73
C ASP A 198 2.89 17.21 -3.19
N PRO A 199 2.37 18.36 -3.66
CA PRO A 199 2.58 18.84 -5.03
C PRO A 199 4.08 19.11 -5.40
N ARG A 200 4.87 19.51 -4.43
CA ARG A 200 6.34 19.61 -4.60
C ARG A 200 6.95 18.26 -4.94
N ILE A 201 6.61 17.23 -4.16
CA ILE A 201 7.12 15.91 -4.37
C ILE A 201 6.55 15.32 -5.65
N ILE A 202 5.29 15.50 -5.92
CA ILE A 202 4.73 14.97 -7.16
C ILE A 202 5.45 15.60 -8.39
N ALA A 203 5.58 16.94 -8.41
CA ALA A 203 6.26 17.66 -9.52
C ALA A 203 7.67 17.14 -9.72
N GLU A 204 8.38 16.91 -8.63
CA GLU A 204 9.76 16.44 -8.73
C GLU A 204 9.85 15.03 -9.25
N LEU A 205 8.93 14.21 -8.82
CA LEU A 205 8.90 12.87 -9.30
C LEU A 205 8.50 12.74 -10.81
N LYS A 206 7.56 13.55 -11.22
CA LYS A 206 7.20 13.65 -12.66
C LYS A 206 8.39 14.14 -13.47
N ARG A 207 9.08 15.16 -12.96
CA ARG A 207 10.35 15.62 -13.60
C ARG A 207 11.39 14.48 -13.68
N TYR A 208 11.64 13.83 -12.55
CA TYR A 208 12.63 12.79 -12.49
C TYR A 208 12.38 11.60 -13.43
N THR A 209 11.16 11.05 -13.40
CA THR A 209 10.80 9.89 -14.25
C THR A 209 10.91 10.24 -15.79
N GLU A 210 10.45 11.44 -16.17
CA GLU A 210 10.69 11.96 -17.52
C GLU A 210 12.17 12.01 -17.86
N ALA A 211 12.97 12.79 -17.13
CA ALA A 211 14.42 12.89 -17.35
C ALA A 211 15.15 11.54 -17.38
N MET A 212 14.66 10.56 -16.61
CA MET A 212 15.31 9.26 -16.55
C MET A 212 14.74 8.26 -17.55
N GLY A 213 13.68 8.63 -18.28
CA GLY A 213 13.03 7.71 -19.22
C GLY A 213 12.46 6.47 -18.55
N ILE A 214 11.78 6.69 -17.43
CA ILE A 214 11.13 5.61 -16.69
C ILE A 214 9.72 5.62 -17.28
N PRO A 215 9.34 4.53 -17.96
CA PRO A 215 7.98 4.57 -18.53
C PRO A 215 6.87 4.68 -17.42
N ARG A 216 5.77 5.34 -17.75
CA ARG A 216 4.59 5.38 -16.91
C ARG A 216 4.02 4.07 -16.37
N SER A 217 4.37 2.94 -16.96
CA SER A 217 3.93 1.65 -16.52
C SER A 217 4.75 1.08 -15.37
N ARG A 218 5.78 1.80 -14.93
CA ARG A 218 6.62 1.38 -13.86
C ARG A 218 6.38 2.11 -12.53
N PHE A 219 5.41 3.02 -12.44
CA PHE A 219 5.16 3.70 -11.16
C PHE A 219 3.78 4.31 -11.16
N GLU A 220 3.27 4.63 -9.98
CA GLU A 220 2.00 5.31 -9.92
C GLU A 220 1.90 6.38 -8.82
N PHE A 221 0.79 7.13 -8.83
CA PHE A 221 0.43 8.07 -7.76
C PHE A 221 -0.81 7.56 -7.06
N GLN A 222 -0.82 7.75 -5.75
CA GLN A 222 -1.95 7.33 -4.88
C GLN A 222 -2.37 8.48 -3.97
N PHE A 223 -3.67 8.72 -3.94
CA PHE A 223 -4.28 9.78 -3.16
C PHE A 223 -5.42 9.15 -2.30
N LEU A 224 -5.73 9.71 -1.16
CA LEU A 224 -6.98 9.39 -0.48
C LEU A 224 -8.15 9.83 -1.36
N TYR A 225 -9.19 8.98 -1.39
CA TYR A 225 -10.51 9.32 -1.91
C TYR A 225 -10.95 10.77 -1.56
N GLY A 226 -11.24 11.57 -2.58
CA GLY A 226 -11.73 12.93 -2.36
C GLY A 226 -10.71 14.02 -2.10
N VAL A 227 -9.44 13.67 -1.89
CA VAL A 227 -8.39 14.63 -1.64
C VAL A 227 -7.63 14.94 -2.97
N ARG A 228 -7.59 16.24 -3.31
CA ARG A 228 -7.08 16.77 -4.59
C ARG A 228 -7.67 16.05 -5.81
N PRO A 229 -9.01 15.97 -5.92
CA PRO A 229 -9.60 15.08 -6.96
C PRO A 229 -9.35 15.55 -8.40
N GLU A 230 -9.22 16.86 -8.55
CA GLU A 230 -8.82 17.47 -9.80
C GLU A 230 -7.41 16.99 -10.22
N GLU A 231 -6.47 17.04 -9.27
CA GLU A 231 -5.12 16.57 -9.52
C GLU A 231 -5.14 15.09 -9.98
N GLN A 232 -5.97 14.27 -9.31
CA GLN A 232 -6.10 12.87 -9.68
C GLN A 232 -6.52 12.70 -11.15
N ARG A 233 -7.55 13.44 -11.57
CA ARG A 233 -8.05 13.40 -12.98
C ARG A 233 -7.05 13.96 -13.96
N ARG A 234 -6.42 15.05 -13.57
CA ARG A 234 -5.35 15.63 -14.36
C ARG A 234 -4.22 14.66 -14.66
N LEU A 235 -3.83 13.86 -13.64
CA LEU A 235 -2.70 12.94 -13.80
C LEU A 235 -3.09 11.74 -14.63
N ALA A 236 -4.31 11.26 -14.44
CA ALA A 236 -4.85 10.18 -15.30
C ALA A 236 -4.97 10.62 -16.77
N ARG A 237 -5.47 11.82 -17.01
CA ARG A 237 -5.46 12.40 -18.38
C ARG A 237 -4.07 12.49 -19.04
N GLU A 238 -3.03 12.75 -18.24
CA GLU A 238 -1.64 12.81 -18.74
C GLU A 238 -1.04 11.45 -18.83
N GLY A 239 -1.81 10.42 -18.56
CA GLY A 239 -1.34 9.09 -18.84
C GLY A 239 -0.74 8.46 -17.62
N TYR A 240 -0.85 9.08 -16.45
CA TYR A 240 -0.29 8.41 -15.25
C TYR A 240 -1.24 7.30 -14.72
N THR A 241 -0.69 6.23 -14.13
CA THR A 241 -1.50 5.33 -13.32
C THR A 241 -1.73 6.03 -12.00
N VAL A 242 -2.99 6.27 -11.70
CA VAL A 242 -3.48 6.95 -10.49
C VAL A 242 -4.48 6.02 -9.76
N ARG A 243 -4.38 5.95 -8.42
CA ARG A 243 -5.34 5.20 -7.59
C ARG A 243 -5.75 6.05 -6.46
N ALA A 244 -7.01 5.90 -6.07
CA ALA A 244 -7.52 6.51 -4.86
C ALA A 244 -7.90 5.41 -3.83
N TYR A 245 -7.62 5.73 -2.59
CA TYR A 245 -7.72 4.81 -1.49
C TYR A 245 -9.10 5.02 -0.87
N VAL A 246 -9.92 3.96 -0.85
CA VAL A 246 -11.29 4.05 -0.38
C VAL A 246 -11.47 3.16 0.87
N PRO A 247 -11.36 3.76 2.06
CA PRO A 247 -11.76 3.01 3.27
C PRO A 247 -13.29 2.76 3.37
N TYR A 248 -13.69 1.67 4.00
CA TYR A 248 -15.12 1.41 4.35
C TYR A 248 -15.22 0.51 5.61
N GLY A 249 -16.41 0.39 6.19
CA GLY A 249 -16.69 -0.49 7.37
C GLY A 249 -17.09 0.32 8.58
#